data_3IIW
#
_entry.id   3IIW
#
_cell.length_a   57.745
_cell.length_b   85.118
_cell.length_c   91.246
_cell.angle_alpha   90.00
_cell.angle_beta   90.00
_cell.angle_gamma   90.00
#
_symmetry.space_group_name_H-M   'P 21 21 21'
#
loop_
_entity.id
_entity.type
_entity.pdbx_description
1 polymer 'Polycomb protein EED'
2 polymer 'Histone H3 peptide'
3 water water
#
loop_
_entity_poly.entity_id
_entity_poly.type
_entity_poly.pdbx_seq_one_letter_code
_entity_poly.pdbx_strand_id
1 'polypeptide(L)'
;KCKYSFKCVNSLKEDHNQPLFGVQFNWHSKEGDPLVFATVGSNRVTLYECHSQGEIRLLQSYVDADADENFYTCAWTYDS
NTSHPLLAVAGSRGIIRIINPITMQCIKHYVGHGNAINELKFHPRDPNLLLSVSKDHALRLWNIQTDTLVAIFGGVEGHR
DEVLSADYDLLGEKIMSCGMDHSLKLWRINSKRMMNAIKESYDYNPNKTNRPFISQKIHFPDFSTRDIHRNYVDCVRWLG
DLILSKSCENAIVCWKPGKMEDDIDKIKPSESNVTILGRFDYSQCDIWYMRFSMDFWQKMLALGNQVGKLYVWDLEVEDP
HKAKCTTLTHHKCGAAIRQTSFSRDSSILIAVCDDASIWRWDRLR
;
A
2 'polypeptide(L)' TKAAR(M3L)SAPAT B
#
# COMPACT_ATOMS: atom_id res chain seq x y z
N SER A 5 -14.34 -14.89 -11.31
CA SER A 5 -15.79 -14.88 -10.93
C SER A 5 -16.05 -15.04 -9.42
N PHE A 6 -16.96 -14.25 -8.87
CA PHE A 6 -17.06 -14.02 -7.42
C PHE A 6 -18.53 -13.84 -7.06
N LYS A 7 -18.91 -14.18 -5.84
CA LYS A 7 -20.24 -13.81 -5.38
C LYS A 7 -20.26 -13.28 -3.96
N CYS A 8 -21.18 -12.36 -3.68
CA CYS A 8 -21.14 -11.67 -2.41
C CYS A 8 -21.82 -12.54 -1.35
N VAL A 9 -21.07 -12.92 -0.31
CA VAL A 9 -21.58 -13.91 0.64
C VAL A 9 -21.90 -13.29 1.99
N ASN A 10 -21.44 -12.07 2.27
CA ASN A 10 -21.71 -11.45 3.56
C ASN A 10 -21.28 -10.00 3.53
N SER A 11 -21.81 -9.23 4.48
CA SER A 11 -21.33 -7.88 4.74
C SER A 11 -21.55 -7.54 6.21
N LEU A 12 -20.79 -6.56 6.71
CA LEU A 12 -21.07 -6.03 8.05
C LEU A 12 -20.67 -4.58 8.10
N LYS A 13 -20.91 -3.93 9.23
CA LYS A 13 -20.56 -2.53 9.37
C LYS A 13 -19.97 -2.34 10.75
N GLU A 14 -18.90 -1.56 10.87
CA GLU A 14 -18.25 -1.29 12.15
C GLU A 14 -18.96 -0.13 12.85
N ASP A 15 -18.89 -0.15 14.17
CA ASP A 15 -19.76 0.68 15.02
C ASP A 15 -19.42 2.16 14.96
N HIS A 16 -18.23 2.51 14.50
CA HIS A 16 -17.84 3.90 14.54
C HIS A 16 -18.46 4.72 13.42
N ASN A 17 -18.93 4.07 12.36
CA ASN A 17 -19.48 4.79 11.21
C ASN A 17 -18.54 5.78 10.53
N GLN A 18 -17.24 5.64 10.70
CA GLN A 18 -16.29 6.47 9.96
C GLN A 18 -15.75 5.66 8.79
N PRO A 19 -15.11 6.33 7.82
CA PRO A 19 -14.59 5.54 6.70
C PRO A 19 -13.57 4.48 7.14
N LEU A 20 -13.64 3.31 6.51
CA LEU A 20 -12.55 2.36 6.50
C LEU A 20 -11.65 2.64 5.31
N PHE A 21 -10.44 3.12 5.61
CA PHE A 21 -9.52 3.60 4.58
C PHE A 21 -8.62 2.45 4.13
N GLY A 22 -8.53 1.40 4.95
CA GLY A 22 -7.60 0.33 4.56
C GLY A 22 -8.11 -1.05 4.90
N VAL A 23 -7.71 -2.03 4.09
CA VAL A 23 -7.93 -3.44 4.43
C VAL A 23 -6.76 -4.29 3.91
N GLN A 24 -6.27 -5.26 4.68
CA GLN A 24 -5.19 -6.15 4.23
C GLN A 24 -5.46 -7.55 4.80
N PHE A 25 -5.55 -8.55 3.93
CA PHE A 25 -5.31 -9.93 4.39
C PHE A 25 -3.89 -10.14 4.88
N ASN A 26 -3.73 -11.00 5.89
CA ASN A 26 -2.42 -11.44 6.30
C ASN A 26 -1.96 -12.55 5.37
N TRP A 27 -0.98 -12.28 4.50
CA TRP A 27 -0.50 -13.34 3.61
C TRP A 27 0.61 -14.15 4.27
N HIS A 28 0.94 -13.84 5.52
CA HIS A 28 1.88 -14.68 6.25
C HIS A 28 1.19 -15.58 7.28
N SER A 29 -0.09 -15.88 7.10
CA SER A 29 -0.78 -16.84 7.97
C SER A 29 -0.34 -18.29 7.71
N LYS A 30 -0.12 -19.06 8.77
CA LYS A 30 0.32 -20.46 8.66
C LYS A 30 -0.64 -21.39 7.93
N GLU A 31 -0.09 -22.42 7.28
CA GLU A 31 -0.91 -23.46 6.65
C GLU A 31 -1.96 -23.98 7.61
N GLY A 32 -3.19 -24.11 7.14
CA GLY A 32 -4.27 -24.69 7.95
C GLY A 32 -4.89 -23.70 8.93
N ASP A 33 -4.27 -22.53 9.09
CA ASP A 33 -4.88 -21.45 9.85
C ASP A 33 -5.93 -20.70 9.05
N PRO A 34 -6.99 -20.21 9.73
CA PRO A 34 -8.04 -19.52 9.00
C PRO A 34 -7.49 -18.22 8.40
N LEU A 35 -8.14 -17.72 7.36
CA LEU A 35 -7.71 -16.49 6.70
C LEU A 35 -8.14 -15.29 7.55
N VAL A 36 -7.21 -14.38 7.79
CA VAL A 36 -7.46 -13.24 8.67
C VAL A 36 -7.21 -11.97 7.86
N PHE A 37 -8.01 -10.93 8.12
CA PHE A 37 -7.72 -9.62 7.54
C PHE A 37 -7.90 -8.53 8.59
N ALA A 38 -7.17 -7.45 8.37
CA ALA A 38 -7.28 -6.24 9.20
C ALA A 38 -7.95 -5.09 8.45
N THR A 39 -8.72 -4.29 9.18
CA THR A 39 -9.34 -3.10 8.61
C THR A 39 -8.83 -1.93 9.45
N VAL A 40 -8.67 -0.77 8.82
CA VAL A 40 -8.33 0.44 9.59
C VAL A 40 -9.28 1.59 9.28
N GLY A 41 -9.70 2.28 10.34
CA GLY A 41 -10.60 3.41 10.18
C GLY A 41 -10.86 3.98 11.56
N SER A 42 -11.40 5.21 11.60
CA SER A 42 -11.51 5.93 12.85
C SER A 42 -10.14 5.86 13.54
N ASN A 43 -10.10 5.72 14.86
CA ASN A 43 -8.80 5.55 15.54
C ASN A 43 -8.47 4.10 15.87
N ARG A 44 -8.91 3.18 15.01
CA ARG A 44 -8.72 1.77 15.36
C ARG A 44 -8.22 0.89 14.21
N VAL A 45 -7.69 -0.27 14.60
CA VAL A 45 -7.52 -1.34 13.63
C VAL A 45 -8.18 -2.59 14.18
N THR A 46 -8.87 -3.33 13.31
CA THR A 46 -9.70 -4.46 13.76
C THR A 46 -9.35 -5.68 12.92
N LEU A 47 -9.25 -6.83 13.58
CA LEU A 47 -9.00 -8.08 12.86
C LEU A 47 -10.27 -8.93 12.78
N TYR A 48 -10.38 -9.65 11.67
CA TYR A 48 -11.52 -10.55 11.46
C TYR A 48 -10.98 -11.82 10.88
N GLU A 49 -11.73 -12.92 11.03
CA GLU A 49 -11.31 -14.21 10.52
C GLU A 49 -12.43 -14.76 9.63
N CYS A 50 -12.07 -15.22 8.44
CA CYS A 50 -13.07 -15.71 7.48
C CYS A 50 -13.35 -17.21 7.70
N HIS A 51 -14.63 -17.52 7.78
CA HIS A 51 -15.08 -18.89 7.94
C HIS A 51 -16.10 -19.29 6.88
N SER A 52 -16.53 -20.55 6.93
CA SER A 52 -17.43 -21.05 5.90
C SER A 52 -18.80 -20.38 5.99
N GLN A 53 -19.62 -20.60 4.97
CA GLN A 53 -20.92 -19.94 4.81
C GLN A 53 -20.86 -18.44 4.96
N GLY A 54 -19.76 -17.85 4.52
CA GLY A 54 -19.66 -16.40 4.50
C GLY A 54 -19.34 -15.77 5.83
N GLU A 55 -19.25 -16.55 6.91
CA GLU A 55 -19.05 -15.94 8.23
C GLU A 55 -17.75 -15.13 8.33
N ILE A 56 -17.90 -13.95 8.92
CA ILE A 56 -16.76 -13.05 9.16
C ILE A 56 -16.71 -12.84 10.66
N ARG A 57 -15.79 -13.51 11.35
CA ARG A 57 -15.80 -13.55 12.80
C ARG A 57 -14.95 -12.39 13.36
N LEU A 58 -15.56 -11.52 14.16
CA LEU A 58 -14.85 -10.43 14.82
C LEU A 58 -13.90 -10.95 15.89
N LEU A 59 -12.65 -10.51 15.83
CA LEU A 59 -11.64 -10.90 16.83
C LEU A 59 -11.42 -9.80 17.87
N GLN A 60 -10.49 -8.89 17.59
CA GLN A 60 -10.12 -7.87 18.57
C GLN A 60 -9.58 -6.64 17.85
N SER A 61 -9.77 -5.46 18.44
CA SER A 61 -9.22 -4.22 17.89
C SER A 61 -8.05 -3.70 18.72
N TYR A 62 -7.24 -2.85 18.09
CA TYR A 62 -6.42 -1.89 18.82
C TYR A 62 -7.07 -0.51 18.62
N VAL A 63 -7.24 0.23 19.73
CA VAL A 63 -7.84 1.56 19.67
C VAL A 63 -6.84 2.57 20.24
N ASP A 64 -6.52 3.59 19.46
CA ASP A 64 -5.45 4.51 19.87
C ASP A 64 -5.93 5.35 21.07
N ALA A 65 -5.03 5.67 21.98
CA ALA A 65 -5.36 6.53 23.14
C ALA A 65 -5.83 7.92 22.72
N ASP A 66 -5.35 8.38 21.56
CA ASP A 66 -5.76 9.68 21.05
C ASP A 66 -7.04 9.53 20.23
N ALA A 67 -8.14 10.10 20.73
CA ALA A 67 -9.41 10.02 20.04
C ALA A 67 -9.36 10.76 18.70
N ASP A 68 -8.33 11.59 18.52
CA ASP A 68 -8.14 12.38 17.32
C ASP A 68 -7.22 11.71 16.28
N GLU A 69 -6.62 10.59 16.63
CA GLU A 69 -5.87 9.82 15.63
C GLU A 69 -6.89 9.32 14.62
N ASN A 70 -6.46 9.22 13.37
CA ASN A 70 -7.24 8.54 12.35
C ASN A 70 -6.29 7.65 11.58
N PHE A 71 -6.45 6.35 11.69
CA PHE A 71 -5.56 5.44 10.98
C PHE A 71 -5.98 5.38 9.51
N TYR A 72 -4.99 5.38 8.62
CA TYR A 72 -5.27 5.38 7.18
C TYR A 72 -4.89 4.05 6.51
N THR A 73 -3.83 3.42 7.02
CA THR A 73 -3.09 2.41 6.27
C THR A 73 -2.55 1.34 7.23
N CYS A 74 -2.47 0.10 6.76
CA CYS A 74 -1.80 -0.94 7.53
C CYS A 74 -1.07 -1.90 6.59
N ALA A 75 -0.10 -2.61 7.15
CA ALA A 75 0.68 -3.55 6.34
C ALA A 75 1.16 -4.68 7.25
N TRP A 76 1.06 -5.92 6.76
CA TRP A 76 1.51 -7.09 7.55
C TRP A 76 2.97 -7.39 7.32
N THR A 77 3.61 -7.95 8.35
CA THR A 77 4.92 -8.54 8.15
C THR A 77 5.04 -9.67 9.17
N TYR A 78 6.23 -10.20 9.37
CA TYR A 78 6.40 -11.11 10.50
C TYR A 78 7.71 -10.84 11.22
N ASP A 79 7.76 -11.28 12.47
CA ASP A 79 8.97 -11.13 13.25
C ASP A 79 10.00 -12.10 12.70
N SER A 80 11.17 -11.59 12.28
CA SER A 80 12.11 -12.39 11.50
C SER A 80 12.73 -13.51 12.34
N ASN A 81 12.69 -13.37 13.66
CA ASN A 81 13.19 -14.43 14.56
C ASN A 81 12.17 -15.49 14.94
N THR A 82 10.91 -15.10 15.09
CA THR A 82 9.89 -16.01 15.65
C THR A 82 8.84 -16.48 14.66
N SER A 83 8.81 -15.88 13.48
CA SER A 83 7.79 -16.12 12.46
C SER A 83 6.42 -15.57 12.76
N HIS A 84 6.23 -15.06 13.98
CA HIS A 84 4.91 -14.57 14.31
C HIS A 84 4.58 -13.33 13.49
N PRO A 85 3.37 -13.28 12.93
CA PRO A 85 2.98 -12.10 12.18
C PRO A 85 2.92 -10.84 13.04
N LEU A 86 3.15 -9.70 12.41
CA LEU A 86 3.08 -8.39 13.08
C LEU A 86 2.25 -7.55 12.12
N LEU A 87 1.69 -6.47 12.64
CA LEU A 87 0.90 -5.56 11.79
C LEU A 87 1.36 -4.15 12.07
N ALA A 88 1.71 -3.41 11.02
CA ALA A 88 2.07 -2.01 11.16
C ALA A 88 0.85 -1.15 10.78
N VAL A 89 0.59 -0.09 11.55
CA VAL A 89 -0.53 0.80 11.23
C VAL A 89 -0.07 2.25 11.34
N ALA A 90 -0.66 3.14 10.55
CA ALA A 90 -0.31 4.57 10.65
C ALA A 90 -1.42 5.45 10.07
N GLY A 91 -1.41 6.73 10.40
CA GLY A 91 -2.41 7.63 9.80
C GLY A 91 -2.09 9.09 10.13
N SER A 92 -3.12 9.83 10.54
CA SER A 92 -3.05 11.28 10.58
C SER A 92 -2.02 11.84 11.57
N ARG A 93 -1.79 11.17 12.70
CA ARG A 93 -0.76 11.62 13.64
C ARG A 93 0.69 11.47 13.17
N GLY A 94 0.90 10.68 12.12
CA GLY A 94 2.25 10.41 11.62
C GLY A 94 3.08 9.53 12.56
N ILE A 95 2.39 8.64 13.27
CA ILE A 95 3.06 7.69 14.15
C ILE A 95 2.85 6.27 13.61
N ILE A 96 3.94 5.56 13.36
CA ILE A 96 3.84 4.17 12.94
C ILE A 96 3.76 3.28 14.17
N ARG A 97 2.72 2.45 14.26
CA ARG A 97 2.64 1.55 15.41
C ARG A 97 2.83 0.11 14.94
N ILE A 98 3.64 -0.65 15.67
CA ILE A 98 3.85 -2.06 15.34
C ILE A 98 3.03 -2.84 16.37
N ILE A 99 2.02 -3.56 15.87
CA ILE A 99 0.99 -4.20 16.70
C ILE A 99 1.19 -5.71 16.66
N ASN A 100 1.20 -6.35 17.83
CA ASN A 100 1.09 -7.79 17.94
C ASN A 100 -0.37 -8.23 17.70
N PRO A 101 -0.65 -8.87 16.56
CA PRO A 101 -2.02 -9.18 16.17
C PRO A 101 -2.72 -10.15 17.11
N ILE A 102 -1.95 -10.96 17.81
CA ILE A 102 -2.54 -11.94 18.70
C ILE A 102 -3.25 -11.27 19.86
N THR A 103 -2.53 -10.38 20.53
CA THR A 103 -3.06 -9.65 21.70
C THR A 103 -3.54 -8.25 21.40
N MET A 104 -3.23 -7.76 20.19
CA MET A 104 -3.41 -6.36 19.82
C MET A 104 -2.63 -5.39 20.70
N GLN A 105 -1.54 -5.84 21.30
CA GLN A 105 -0.64 -4.88 21.96
C GLN A 105 0.21 -4.10 20.99
N CYS A 106 0.42 -2.81 21.28
CA CYS A 106 1.38 -2.03 20.51
C CYS A 106 2.78 -2.28 21.07
N ILE A 107 3.63 -2.92 20.27
CA ILE A 107 4.94 -3.39 20.73
C ILE A 107 5.91 -2.23 20.75
N LYS A 108 5.80 -1.38 19.72
CA LYS A 108 6.68 -0.21 19.63
C LYS A 108 6.13 0.75 18.59
N HIS A 109 6.67 1.96 18.57
CA HIS A 109 6.19 2.92 17.60
C HIS A 109 7.36 3.76 17.11
N TYR A 110 7.19 4.30 15.90
CA TYR A 110 8.18 5.18 15.29
C TYR A 110 7.56 6.52 14.95
N VAL A 111 8.31 7.59 15.16
CA VAL A 111 7.84 8.88 14.67
C VAL A 111 8.94 9.61 13.94
N GLY A 112 8.57 10.28 12.86
CA GLY A 112 9.56 11.12 12.21
C GLY A 112 8.83 12.11 11.35
N HIS A 113 8.01 11.59 10.45
CA HIS A 113 7.34 12.39 9.41
C HIS A 113 6.75 13.65 10.03
N GLY A 114 6.73 14.71 9.21
CA GLY A 114 6.23 16.05 9.57
C GLY A 114 4.72 16.08 9.53
N ASN A 115 4.17 14.93 9.18
CA ASN A 115 2.74 14.83 9.19
C ASN A 115 2.22 13.43 9.03
N ALA A 116 1.00 13.44 8.54
CA ALA A 116 0.21 12.22 8.31
C ALA A 116 0.97 11.23 7.43
N ILE A 117 0.73 9.94 7.68
CA ILE A 117 1.30 8.89 6.86
C ILE A 117 0.20 8.30 6.01
N ASN A 118 0.43 8.31 4.69
CA ASN A 118 -0.60 7.90 3.74
C ASN A 118 -0.52 6.44 3.27
N GLU A 119 0.66 5.84 3.41
CA GLU A 119 0.82 4.44 3.02
C GLU A 119 2.02 3.82 3.72
N LEU A 120 1.87 2.55 4.09
CA LEU A 120 2.98 1.69 4.53
C LEU A 120 3.13 0.44 3.65
N LYS A 121 4.38 0.05 3.37
CA LYS A 121 4.66 -1.16 2.57
C LYS A 121 5.89 -1.83 3.18
N PHE A 122 5.85 -3.15 3.25
CA PHE A 122 7.03 -3.91 3.59
C PHE A 122 7.76 -4.40 2.35
N HIS A 123 9.08 -4.46 2.48
CA HIS A 123 9.97 -4.97 1.43
C HIS A 123 9.64 -6.44 1.11
N PRO A 124 9.68 -6.82 -0.17
CA PRO A 124 9.18 -8.15 -0.56
C PRO A 124 10.10 -9.30 -0.15
N ARG A 125 11.36 -9.00 0.16
CA ARG A 125 12.30 -10.05 0.58
C ARG A 125 12.82 -9.92 2.02
N ASP A 126 12.61 -8.74 2.62
CA ASP A 126 13.14 -8.47 3.95
C ASP A 126 12.02 -7.94 4.82
N PRO A 127 11.50 -8.80 5.71
CA PRO A 127 10.31 -8.45 6.47
C PRO A 127 10.57 -7.32 7.46
N ASN A 128 11.84 -6.95 7.67
CA ASN A 128 12.16 -5.86 8.59
C ASN A 128 12.16 -4.45 7.96
N LEU A 129 12.13 -4.35 6.63
CA LEU A 129 12.27 -3.05 5.97
C LEU A 129 10.90 -2.49 5.58
N LEU A 130 10.55 -1.40 6.25
CA LEU A 130 9.22 -0.80 6.16
C LEU A 130 9.31 0.58 5.53
N LEU A 131 8.56 0.80 4.45
CA LEU A 131 8.50 2.10 3.78
C LEU A 131 7.24 2.84 4.21
N SER A 132 7.39 4.13 4.57
CA SER A 132 6.23 4.95 4.88
C SER A 132 6.24 6.17 3.96
N VAL A 133 5.07 6.63 3.52
CA VAL A 133 5.05 7.80 2.66
C VAL A 133 4.18 8.83 3.35
N SER A 134 4.57 10.09 3.23
CA SER A 134 3.97 11.08 4.09
C SER A 134 3.45 12.33 3.39
N LYS A 135 2.53 12.95 4.11
CA LYS A 135 1.95 14.24 3.82
C LYS A 135 3.04 15.29 3.86
N ASP A 136 4.17 14.99 4.47
CA ASP A 136 5.28 15.94 4.51
C ASP A 136 6.15 15.93 3.26
N HIS A 137 5.72 15.19 2.24
CA HIS A 137 6.43 15.11 0.97
C HIS A 137 7.55 14.09 0.88
N ALA A 138 7.86 13.39 1.97
CA ALA A 138 8.98 12.47 1.98
C ALA A 138 8.53 11.00 2.10
N LEU A 139 9.39 10.09 1.67
CA LEU A 139 9.27 8.69 2.05
C LEU A 139 10.37 8.39 3.07
N ARG A 140 10.14 7.41 3.95
CA ARG A 140 11.19 7.02 4.90
C ARG A 140 11.24 5.49 4.90
N LEU A 141 12.46 4.96 4.92
CA LEU A 141 12.64 3.51 5.04
C LEU A 141 13.17 3.23 6.44
N TRP A 142 12.50 2.30 7.13
CA TRP A 142 12.78 2.02 8.54
C TRP A 142 13.20 0.56 8.63
N ASN A 143 14.10 0.25 9.55
CA ASN A 143 14.45 -1.14 9.83
C ASN A 143 13.83 -1.46 11.20
N ILE A 144 12.79 -2.30 11.21
CA ILE A 144 12.01 -2.50 12.44
C ILE A 144 12.62 -3.62 13.30
N GLN A 145 13.77 -4.16 12.87
CA GLN A 145 14.53 -5.10 13.71
C GLN A 145 15.44 -4.32 14.64
N THR A 146 16.10 -3.30 14.11
CA THR A 146 17.03 -2.50 14.92
C THR A 146 16.46 -1.14 15.33
N ASP A 147 15.24 -0.83 14.86
CA ASP A 147 14.52 0.40 15.21
C ASP A 147 15.27 1.62 14.68
N THR A 148 15.71 1.54 13.42
CA THR A 148 16.52 2.59 12.80
C THR A 148 15.80 3.19 11.60
N LEU A 149 15.94 4.51 11.41
CA LEU A 149 15.58 5.16 10.16
C LEU A 149 16.73 5.03 9.19
N VAL A 150 16.55 4.22 8.14
CA VAL A 150 17.62 3.92 7.21
C VAL A 150 17.85 5.05 6.20
N ALA A 151 16.76 5.62 5.69
CA ALA A 151 16.86 6.66 4.64
C ALA A 151 15.58 7.51 4.59
N ILE A 152 15.74 8.76 4.16
CA ILE A 152 14.64 9.66 3.91
C ILE A 152 14.78 10.04 2.42
N PHE A 153 13.69 9.93 1.67
CA PHE A 153 13.67 10.20 0.23
C PHE A 153 12.85 11.47 0.02
N GLY A 154 13.53 12.58 -0.31
CA GLY A 154 12.88 13.89 -0.24
C GLY A 154 13.70 14.93 -1.00
N GLY A 155 13.68 16.16 -0.52
CA GLY A 155 14.44 17.24 -1.17
C GLY A 155 13.64 17.96 -2.22
N VAL A 156 14.18 19.03 -2.78
CA VAL A 156 13.39 19.83 -3.72
C VAL A 156 13.15 19.07 -5.04
N GLU A 157 14.01 18.10 -5.36
CA GLU A 157 13.79 17.24 -6.54
C GLU A 157 13.03 15.96 -6.20
N GLY A 158 12.72 15.76 -4.92
CA GLY A 158 11.72 14.78 -4.53
C GLY A 158 10.33 15.36 -4.69
N HIS A 159 9.33 14.72 -4.07
CA HIS A 159 7.96 15.16 -4.24
C HIS A 159 7.75 16.57 -3.70
N ARG A 160 6.93 17.36 -4.39
CA ARG A 160 6.64 18.74 -3.94
C ARG A 160 5.30 18.95 -3.25
N ASP A 161 4.59 17.84 -3.01
CA ASP A 161 3.33 17.85 -2.27
C ASP A 161 3.22 16.46 -1.64
N GLU A 162 2.12 16.19 -0.93
CA GLU A 162 1.93 14.91 -0.23
C GLU A 162 2.33 13.71 -1.10
N VAL A 163 3.02 12.76 -0.51
CA VAL A 163 3.21 11.47 -1.16
C VAL A 163 2.03 10.58 -0.76
N LEU A 164 1.39 9.95 -1.74
CA LEU A 164 0.16 9.22 -1.46
C LEU A 164 0.33 7.72 -1.51
N SER A 165 1.30 7.24 -2.30
CA SER A 165 1.45 5.80 -2.42
C SER A 165 2.88 5.47 -2.80
N ALA A 166 3.30 4.22 -2.62
CA ALA A 166 4.54 3.79 -3.22
C ALA A 166 4.53 2.26 -3.29
N ASP A 167 5.47 1.71 -4.04
CA ASP A 167 5.55 0.23 -4.16
C ASP A 167 6.99 -0.19 -4.43
N TYR A 168 7.43 -1.28 -3.80
CA TYR A 168 8.70 -1.92 -4.15
C TYR A 168 8.46 -2.78 -5.38
N ASP A 169 9.47 -2.90 -6.24
CA ASP A 169 9.42 -3.92 -7.29
C ASP A 169 9.60 -5.32 -6.71
N LEU A 170 9.52 -6.35 -7.56
CA LEU A 170 9.51 -7.72 -7.08
C LEU A 170 10.72 -8.08 -6.21
N LEU A 171 11.90 -7.62 -6.62
CA LEU A 171 13.12 -7.97 -5.92
C LEU A 171 13.41 -7.01 -4.76
N GLY A 172 12.65 -5.93 -4.67
CA GLY A 172 12.94 -4.90 -3.67
C GLY A 172 14.23 -4.15 -3.98
N GLU A 173 14.55 -4.00 -5.26
CA GLU A 173 15.71 -3.21 -5.67
C GLU A 173 15.40 -1.73 -5.92
N LYS A 174 14.13 -1.44 -6.14
CA LYS A 174 13.71 -0.05 -6.38
C LYS A 174 12.27 0.20 -5.94
N ILE A 175 11.94 1.47 -5.76
CA ILE A 175 10.63 1.87 -5.28
C ILE A 175 10.10 2.88 -6.29
N MET A 176 8.80 2.81 -6.61
CA MET A 176 8.15 3.90 -7.36
C MET A 176 7.20 4.55 -6.38
N SER A 177 7.22 5.89 -6.29
CA SER A 177 6.30 6.62 -5.41
C SER A 177 5.46 7.58 -6.26
N CYS A 178 4.32 8.00 -5.73
CA CYS A 178 3.46 8.91 -6.46
C CYS A 178 2.74 9.83 -5.50
N GLY A 179 2.31 11.00 -5.97
CA GLY A 179 1.49 11.79 -5.07
C GLY A 179 0.78 13.00 -5.65
N MET A 180 0.55 13.99 -4.79
CA MET A 180 -0.35 15.10 -5.12
C MET A 180 0.28 16.08 -6.08
N ASP A 181 1.57 15.94 -6.32
CA ASP A 181 2.24 16.78 -7.31
C ASP A 181 2.09 16.21 -8.73
N HIS A 182 1.25 15.18 -8.87
CA HIS A 182 0.95 14.54 -10.14
C HIS A 182 2.10 13.71 -10.65
N SER A 183 3.18 13.59 -9.87
CA SER A 183 4.35 12.89 -10.36
C SER A 183 4.54 11.46 -9.85
N LEU A 184 5.23 10.67 -10.65
CA LEU A 184 5.70 9.36 -10.24
C LEU A 184 7.23 9.37 -10.26
N LYS A 185 7.85 8.93 -9.17
CA LYS A 185 9.30 8.99 -9.03
C LYS A 185 9.90 7.63 -8.66
N LEU A 186 11.06 7.32 -9.24
CA LEU A 186 11.71 6.02 -9.02
C LEU A 186 12.88 6.28 -8.09
N TRP A 187 13.03 5.42 -7.08
CA TRP A 187 14.17 5.53 -6.21
C TRP A 187 14.81 4.17 -6.13
N ARG A 188 16.06 4.06 -6.61
CA ARG A 188 16.76 2.78 -6.56
C ARG A 188 17.37 2.55 -5.17
N ILE A 189 17.13 1.37 -4.61
CA ILE A 189 17.69 1.02 -3.29
C ILE A 189 18.73 -0.07 -3.32
N ASN A 190 19.16 -0.40 -4.52
CA ASN A 190 20.24 -1.35 -4.68
C ASN A 190 21.53 -0.65 -5.09
N SER A 191 21.58 0.66 -4.89
CA SER A 191 22.86 1.39 -5.05
C SER A 191 23.85 0.92 -3.99
N LYS A 192 25.15 1.08 -4.26
CA LYS A 192 26.16 0.78 -3.25
C LYS A 192 25.85 1.52 -1.95
N ARG A 193 25.50 2.80 -2.07
CA ARG A 193 25.18 3.64 -0.91
C ARG A 193 24.04 3.03 -0.09
N MET A 194 22.94 2.69 -0.75
CA MET A 194 21.78 2.14 -0.04
C MET A 194 21.99 0.73 0.50
N MET A 195 22.72 -0.12 -0.21
CA MET A 195 22.88 -1.49 0.31
C MET A 195 23.78 -1.47 1.54
N ASN A 196 24.74 -0.55 1.51
CA ASN A 196 25.59 -0.33 2.66
C ASN A 196 24.82 0.22 3.83
N ALA A 197 23.94 1.19 3.60
CA ALA A 197 23.14 1.83 4.65
C ALA A 197 22.25 0.75 5.29
N ILE A 198 21.66 -0.13 4.47
CA ILE A 198 20.92 -1.29 5.00
C ILE A 198 21.72 -2.22 5.89
N LYS A 199 22.93 -2.53 5.43
CA LYS A 199 23.82 -3.43 6.16
C LYS A 199 24.21 -2.78 7.48
N GLU A 200 24.50 -1.49 7.45
CA GLU A 200 24.83 -0.80 8.72
C GLU A 200 23.64 -0.73 9.67
N SER A 201 22.43 -0.54 9.14
CA SER A 201 21.27 -0.52 9.99
C SER A 201 21.15 -1.83 10.77
N TYR A 202 21.51 -2.95 10.16
CA TYR A 202 21.47 -4.26 10.86
C TYR A 202 22.58 -4.38 11.90
N ASP A 203 23.69 -3.69 11.69
CA ASP A 203 24.82 -3.73 12.63
C ASP A 203 24.63 -2.78 13.82
N TYR A 204 23.58 -1.97 13.82
CA TYR A 204 23.44 -0.92 14.82
C TYR A 204 22.74 -1.43 16.08
N ASN A 205 23.36 -1.16 17.23
CA ASN A 205 22.76 -1.50 18.52
C ASN A 205 23.11 -0.40 19.50
N PRO A 206 22.16 0.48 19.80
CA PRO A 206 22.46 1.65 20.61
C PRO A 206 23.06 1.31 21.99
N ASN A 207 22.83 0.10 22.49
CA ASN A 207 23.46 -0.30 23.75
C ASN A 207 24.95 -0.59 23.66
N LYS A 208 25.46 -0.71 22.44
CA LYS A 208 26.83 -1.13 22.25
C LYS A 208 27.70 -0.07 21.59
N THR A 209 27.16 1.14 21.43
CA THR A 209 27.93 2.19 20.74
C THR A 209 27.46 3.53 21.26
N ASN A 210 28.18 4.58 20.88
CA ASN A 210 27.85 5.92 21.33
C ASN A 210 27.13 6.74 20.24
N ARG A 211 27.35 6.35 19.00
CA ARG A 211 26.78 7.08 17.88
C ARG A 211 25.26 6.94 17.71
N PRO A 212 24.60 8.01 17.25
CA PRO A 212 23.25 7.83 16.73
C PRO A 212 23.36 7.11 15.38
N PHE A 213 22.28 6.49 14.91
CA PHE A 213 22.37 5.89 13.59
C PHE A 213 22.14 6.99 12.55
N ILE A 214 23.03 7.12 11.58
CA ILE A 214 22.90 8.20 10.61
C ILE A 214 22.00 7.74 9.45
N SER A 215 20.94 8.45 9.16
CA SER A 215 20.12 8.11 7.99
C SER A 215 20.71 8.65 6.70
N GLN A 216 20.45 7.98 5.58
CA GLN A 216 20.72 8.55 4.26
C GLN A 216 19.70 9.61 3.89
N LYS A 217 20.15 10.77 3.40
CA LYS A 217 19.20 11.74 2.88
C LYS A 217 19.35 11.64 1.38
N ILE A 218 18.33 11.08 0.74
CA ILE A 218 18.38 10.83 -0.70
C ILE A 218 17.50 11.91 -1.34
N HIS A 219 18.12 12.86 -2.04
CA HIS A 219 17.40 14.03 -2.52
C HIS A 219 17.12 14.06 -4.01
N PHE A 220 17.49 12.99 -4.70
CA PHE A 220 17.30 12.93 -6.15
C PHE A 220 16.77 11.56 -6.56
N PRO A 221 15.57 11.53 -7.17
CA PRO A 221 15.07 10.29 -7.74
C PRO A 221 15.89 9.83 -8.94
N ASP A 222 15.79 8.54 -9.24
CA ASP A 222 16.45 7.97 -10.41
C ASP A 222 15.64 8.07 -11.69
N PHE A 223 14.42 8.57 -11.56
CA PHE A 223 13.56 8.88 -12.69
C PHE A 223 12.36 9.65 -12.13
N SER A 224 11.75 10.49 -12.96
CA SER A 224 10.58 11.25 -12.54
C SER A 224 9.73 11.55 -13.76
N THR A 225 8.41 11.47 -13.60
CA THR A 225 7.50 11.88 -14.68
C THR A 225 6.25 12.51 -14.12
N ARG A 226 5.73 13.52 -14.82
CA ARG A 226 4.39 14.05 -14.57
C ARG A 226 3.51 13.88 -15.82
N ASP A 227 3.86 12.91 -16.67
CA ASP A 227 3.26 12.82 -17.99
C ASP A 227 2.27 11.67 -18.09
N ILE A 228 1.96 11.03 -16.97
CA ILE A 228 1.00 9.92 -16.97
C ILE A 228 -0.41 10.34 -16.63
N HIS A 229 -0.53 11.10 -15.56
CA HIS A 229 -1.82 11.57 -15.06
C HIS A 229 -1.81 13.09 -15.04
N ARG A 230 -3.00 13.68 -14.91
CA ARG A 230 -3.11 15.13 -14.80
C ARG A 230 -3.78 15.55 -13.51
N ASN A 231 -3.68 14.71 -12.48
CA ASN A 231 -4.20 15.07 -11.17
C ASN A 231 -3.47 14.22 -10.13
N TYR A 232 -3.95 14.24 -8.89
CA TYR A 232 -3.21 13.59 -7.80
C TYR A 232 -3.05 12.12 -8.18
N VAL A 233 -1.88 11.55 -7.90
CA VAL A 233 -1.67 10.13 -8.23
C VAL A 233 -1.70 9.37 -6.90
N ASP A 234 -2.69 8.49 -6.74
CA ASP A 234 -3.01 7.95 -5.40
C ASP A 234 -2.80 6.46 -5.20
N CYS A 235 -2.32 5.76 -6.22
CA CYS A 235 -2.00 4.33 -6.06
C CYS A 235 -1.07 3.90 -7.18
N VAL A 236 -0.02 3.17 -6.82
CA VAL A 236 0.99 2.73 -7.77
C VAL A 236 1.40 1.29 -7.44
N ARG A 237 1.66 0.50 -8.46
CA ARG A 237 2.08 -0.88 -8.24
C ARG A 237 2.99 -1.30 -9.40
N TRP A 238 4.09 -2.00 -9.10
CA TRP A 238 4.89 -2.60 -10.17
C TRP A 238 4.18 -3.84 -10.70
N LEU A 239 4.24 -4.02 -12.00
CA LEU A 239 3.85 -5.30 -12.64
C LEU A 239 5.05 -5.76 -13.45
N GLY A 240 5.97 -6.47 -12.81
CA GLY A 240 7.23 -6.80 -13.46
C GLY A 240 8.05 -5.52 -13.59
N ASP A 241 8.41 -5.16 -14.82
CA ASP A 241 9.17 -3.92 -15.01
C ASP A 241 8.22 -2.80 -15.44
N LEU A 242 6.93 -3.08 -15.57
CA LEU A 242 5.94 -2.07 -15.91
C LEU A 242 5.35 -1.46 -14.63
N ILE A 243 4.68 -0.33 -14.77
CA ILE A 243 3.97 0.34 -13.70
C ILE A 243 2.46 0.37 -13.97
N LEU A 244 1.69 0.10 -12.91
CA LEU A 244 0.27 0.43 -12.92
C LEU A 244 0.03 1.56 -11.95
N SER A 245 -0.59 2.64 -12.41
CA SER A 245 -0.85 3.75 -11.49
C SER A 245 -2.20 4.38 -11.81
N LYS A 246 -2.85 4.98 -10.80
CA LYS A 246 -4.09 5.70 -11.02
C LYS A 246 -4.08 7.08 -10.38
N SER A 247 -4.96 7.91 -10.92
CA SER A 247 -5.24 9.21 -10.37
C SER A 247 -6.74 9.19 -10.06
N CYS A 248 -7.36 10.37 -9.94
CA CYS A 248 -8.81 10.45 -9.74
C CYS A 248 -9.49 10.78 -11.07
N GLU A 249 -9.01 10.20 -12.16
CA GLU A 249 -9.53 10.53 -13.50
C GLU A 249 -10.14 9.30 -14.16
N ASN A 250 -10.56 8.33 -13.34
CA ASN A 250 -11.31 7.15 -13.81
C ASN A 250 -10.50 6.27 -14.76
N ALA A 251 -9.20 6.14 -14.49
CA ALA A 251 -8.35 5.24 -15.27
C ALA A 251 -7.17 4.76 -14.45
N ILE A 252 -6.81 3.50 -14.65
CA ILE A 252 -5.51 2.98 -14.30
C ILE A 252 -4.67 2.91 -15.57
N VAL A 253 -3.48 3.48 -15.52
CA VAL A 253 -2.63 3.51 -16.70
C VAL A 253 -1.50 2.49 -16.49
N CYS A 254 -1.26 1.67 -17.51
CA CYS A 254 -0.09 0.82 -17.51
C CYS A 254 1.02 1.45 -18.35
N TRP A 255 2.18 1.68 -17.76
CA TRP A 255 3.23 2.42 -18.47
C TRP A 255 4.63 2.00 -18.05
N LYS A 256 5.65 2.44 -18.79
CA LYS A 256 7.04 2.24 -18.35
C LYS A 256 7.87 3.48 -18.67
N PRO A 257 8.93 3.69 -17.86
CA PRO A 257 9.88 4.74 -18.20
C PRO A 257 10.60 4.43 -19.51
N GLY A 258 10.93 5.48 -20.23
CA GLY A 258 11.73 5.38 -21.46
C GLY A 258 10.86 4.98 -22.64
N LYS A 259 11.52 4.57 -23.71
CA LYS A 259 10.88 4.08 -24.93
C LYS A 259 10.59 2.58 -24.85
N MET A 260 9.90 2.06 -25.85
CA MET A 260 9.30 0.73 -25.71
C MET A 260 10.37 -0.32 -25.41
N GLU A 261 11.54 -0.12 -26.01
CA GLU A 261 12.61 -1.10 -25.97
C GLU A 261 13.55 -0.92 -24.77
N ASP A 262 13.35 0.14 -23.99
CA ASP A 262 14.29 0.52 -22.93
C ASP A 262 14.18 -0.37 -21.67
N ASP A 263 15.31 -0.96 -21.28
CA ASP A 263 15.42 -1.74 -20.05
C ASP A 263 15.27 -0.82 -18.84
N ILE A 264 14.43 -1.20 -17.89
CA ILE A 264 14.24 -0.39 -16.68
C ILE A 264 15.57 -0.08 -15.96
N ASP A 265 16.50 -1.03 -15.97
CA ASP A 265 17.76 -0.83 -15.25
C ASP A 265 18.81 -0.02 -16.00
N LYS A 266 18.49 0.39 -17.22
CA LYS A 266 19.34 1.29 -18.00
C LYS A 266 18.82 2.74 -18.00
N ILE A 267 17.63 2.96 -17.44
CA ILE A 267 17.00 4.29 -17.41
C ILE A 267 17.87 5.19 -16.53
N LYS A 268 18.17 6.39 -17.02
CA LYS A 268 18.90 7.40 -16.25
C LYS A 268 17.98 8.48 -15.72
N PRO A 269 18.47 9.27 -14.74
CA PRO A 269 17.65 10.29 -14.09
C PRO A 269 17.11 11.34 -15.03
N SER A 270 17.81 11.60 -16.13
CA SER A 270 17.39 12.61 -17.09
C SER A 270 16.37 12.11 -18.12
N GLU A 271 16.05 10.82 -18.11
CA GLU A 271 15.09 10.24 -19.06
C GLU A 271 13.79 11.05 -19.16
N SER A 272 13.43 11.44 -20.38
CA SER A 272 12.36 12.38 -20.64
C SER A 272 11.13 11.66 -21.15
N ASN A 273 11.28 10.42 -21.59
CA ASN A 273 10.15 9.73 -22.22
C ASN A 273 9.48 8.73 -21.28
N VAL A 274 8.23 8.41 -21.60
CA VAL A 274 7.52 7.26 -21.07
C VAL A 274 6.77 6.57 -22.21
N THR A 275 6.35 5.33 -21.98
CA THR A 275 5.62 4.57 -22.99
C THR A 275 4.33 4.06 -22.34
N ILE A 276 3.18 4.38 -22.93
CA ILE A 276 1.90 3.89 -22.36
C ILE A 276 1.53 2.57 -23.03
N LEU A 277 1.36 1.51 -22.25
CA LEU A 277 1.09 0.17 -22.76
C LEU A 277 -0.39 -0.16 -22.71
N GLY A 278 -1.18 0.72 -22.10
CA GLY A 278 -2.60 0.40 -21.93
C GLY A 278 -3.25 1.28 -20.87
N ARG A 279 -4.58 1.31 -20.90
CA ARG A 279 -5.30 2.07 -19.88
C ARG A 279 -6.62 1.41 -19.61
N PHE A 280 -6.89 1.14 -18.33
CA PHE A 280 -8.13 0.51 -17.93
C PHE A 280 -9.09 1.56 -17.39
N ASP A 281 -10.12 1.89 -18.17
CA ASP A 281 -11.06 2.90 -17.75
C ASP A 281 -12.18 2.26 -16.91
N TYR A 282 -12.83 3.09 -16.09
CA TYR A 282 -13.99 2.67 -15.30
C TYR A 282 -14.74 3.96 -14.95
N SER A 283 -15.77 3.90 -14.10
CA SER A 283 -16.64 5.04 -13.93
C SER A 283 -16.71 5.48 -12.47
N GLN A 284 -17.07 6.73 -12.25
CA GLN A 284 -17.43 7.23 -10.92
C GLN A 284 -16.37 6.93 -9.86
N CYS A 285 -15.16 7.40 -10.13
CA CYS A 285 -14.09 7.37 -9.13
C CYS A 285 -13.25 8.64 -9.27
N ASP A 286 -13.89 9.76 -8.91
CA ASP A 286 -13.43 11.14 -9.08
C ASP A 286 -12.84 11.70 -7.80
N ILE A 287 -12.95 10.95 -6.71
CA ILE A 287 -12.38 11.39 -5.45
C ILE A 287 -11.03 10.69 -5.29
N TRP A 288 -10.12 11.31 -4.54
CA TRP A 288 -8.80 10.73 -4.33
C TRP A 288 -8.70 9.89 -3.05
N TYR A 289 -7.66 9.08 -2.96
CA TYR A 289 -7.46 8.08 -1.90
C TYR A 289 -8.37 6.86 -2.11
N MET A 290 -8.24 6.25 -3.29
CA MET A 290 -9.05 5.09 -3.68
C MET A 290 -8.06 4.10 -4.28
N ARG A 291 -7.80 3.02 -3.56
CA ARG A 291 -6.65 2.19 -3.88
C ARG A 291 -7.08 0.87 -4.50
N PHE A 292 -6.32 0.44 -5.50
CA PHE A 292 -6.57 -0.87 -6.08
C PHE A 292 -5.64 -1.90 -5.41
N SER A 293 -5.98 -3.18 -5.52
CA SER A 293 -5.06 -4.22 -5.01
C SER A 293 -4.89 -5.32 -6.04
N MET A 294 -3.86 -6.15 -5.88
CA MET A 294 -3.68 -7.33 -6.70
C MET A 294 -3.60 -8.60 -5.86
N ASP A 295 -3.89 -9.72 -6.49
CA ASP A 295 -3.73 -11.01 -5.82
C ASP A 295 -2.24 -11.30 -5.66
N PHE A 296 -1.96 -12.39 -4.93
CA PHE A 296 -0.55 -12.69 -4.61
C PHE A 296 0.27 -12.89 -5.90
N TRP A 297 -0.30 -13.60 -6.87
CA TRP A 297 0.41 -13.95 -8.10
C TRP A 297 0.43 -12.84 -9.13
N GLN A 298 -0.30 -11.75 -8.87
CA GLN A 298 -0.48 -10.64 -9.83
C GLN A 298 -1.14 -11.08 -11.13
N LYS A 299 -2.08 -12.01 -11.00
CA LYS A 299 -2.94 -12.39 -12.12
C LYS A 299 -4.15 -11.45 -12.23
N MET A 300 -4.52 -10.82 -11.12
CA MET A 300 -5.71 -9.99 -11.13
C MET A 300 -5.58 -8.71 -10.33
N LEU A 301 -6.48 -7.76 -10.62
CA LEU A 301 -6.45 -6.44 -10.01
C LEU A 301 -7.88 -6.00 -9.70
N ALA A 302 -8.11 -5.47 -8.49
CA ALA A 302 -9.46 -5.12 -8.09
C ALA A 302 -9.46 -3.68 -7.60
N LEU A 303 -10.49 -2.93 -7.98
CA LEU A 303 -10.63 -1.53 -7.56
C LEU A 303 -12.12 -1.28 -7.34
N GLY A 304 -12.45 -0.61 -6.24
CA GLY A 304 -13.82 -0.16 -6.05
C GLY A 304 -13.96 1.30 -6.44
N ASN A 305 -15.18 1.74 -6.73
CA ASN A 305 -15.43 3.12 -7.06
C ASN A 305 -16.23 3.85 -5.98
N GLN A 306 -16.66 5.07 -6.26
CA GLN A 306 -17.20 5.92 -5.19
C GLN A 306 -18.69 5.65 -4.91
N VAL A 307 -19.29 4.73 -5.66
CA VAL A 307 -20.68 4.31 -5.45
C VAL A 307 -20.85 2.81 -5.18
N GLY A 308 -19.75 2.15 -4.84
CA GLY A 308 -19.81 0.77 -4.35
C GLY A 308 -19.77 -0.31 -5.40
N LYS A 309 -19.30 0.04 -6.59
CA LYS A 309 -19.10 -0.97 -7.63
C LYS A 309 -17.65 -1.44 -7.62
N LEU A 310 -17.43 -2.73 -7.81
CA LEU A 310 -16.09 -3.30 -7.86
C LEU A 310 -15.76 -3.66 -9.27
N TYR A 311 -14.54 -3.30 -9.69
CA TYR A 311 -14.02 -3.72 -10.99
C TYR A 311 -12.90 -4.72 -10.76
N VAL A 312 -12.92 -5.84 -11.46
CA VAL A 312 -11.81 -6.79 -11.33
C VAL A 312 -11.26 -7.07 -12.73
N TRP A 313 -9.98 -6.78 -12.94
CA TRP A 313 -9.33 -7.10 -14.23
C TRP A 313 -8.46 -8.37 -14.14
N ASP A 314 -8.66 -9.25 -15.12
CA ASP A 314 -7.84 -10.44 -15.35
C ASP A 314 -6.62 -10.03 -16.19
N LEU A 315 -5.43 -10.09 -15.59
CA LEU A 315 -4.19 -9.71 -16.25
C LEU A 315 -3.41 -10.87 -16.83
N GLU A 316 -4.00 -12.05 -16.77
CA GLU A 316 -3.42 -13.25 -17.33
C GLU A 316 -3.67 -13.29 -18.85
N VAL A 317 -3.09 -12.33 -19.56
CA VAL A 317 -3.27 -12.18 -21.01
C VAL A 317 -1.92 -11.72 -21.57
N GLU A 318 -1.72 -11.75 -22.88
CA GLU A 318 -0.37 -11.62 -23.42
C GLU A 318 0.20 -10.22 -23.32
N ASP A 319 -0.68 -9.21 -23.30
CA ASP A 319 -0.21 -7.83 -23.24
C ASP A 319 -1.15 -7.06 -22.31
N PRO A 320 -0.64 -6.00 -21.66
CA PRO A 320 -1.45 -5.34 -20.64
C PRO A 320 -2.80 -4.84 -21.17
N HIS A 321 -2.83 -4.31 -22.39
CA HIS A 321 -4.09 -3.72 -22.88
C HIS A 321 -5.16 -4.75 -23.20
N LYS A 322 -4.81 -6.04 -23.11
CA LYS A 322 -5.81 -7.09 -23.34
C LYS A 322 -6.53 -7.55 -22.08
N ALA A 323 -6.28 -6.89 -20.96
CA ALA A 323 -6.90 -7.26 -19.69
C ALA A 323 -8.42 -7.40 -19.82
N LYS A 324 -8.96 -8.42 -19.16
CA LYS A 324 -10.40 -8.68 -19.21
C LYS A 324 -11.05 -8.23 -17.91
N CYS A 325 -12.08 -7.39 -18.04
CA CYS A 325 -12.77 -6.82 -16.90
C CYS A 325 -14.07 -7.56 -16.52
N THR A 326 -14.29 -7.70 -15.22
CA THR A 326 -15.51 -8.28 -14.65
C THR A 326 -15.97 -7.24 -13.65
N THR A 327 -17.28 -7.03 -13.49
CA THR A 327 -17.72 -6.12 -12.45
C THR A 327 -18.60 -6.81 -11.43
N LEU A 328 -18.51 -6.33 -10.19
CA LEU A 328 -19.21 -6.95 -9.06
C LEU A 328 -20.05 -5.88 -8.36
N THR A 329 -21.36 -6.10 -8.32
CA THR A 329 -22.26 -5.09 -7.75
C THR A 329 -23.24 -5.78 -6.82
N HIS A 330 -23.68 -5.05 -5.80
CA HIS A 330 -24.72 -5.52 -4.90
C HIS A 330 -25.63 -4.35 -4.61
N HIS A 331 -26.94 -4.59 -4.68
CA HIS A 331 -27.92 -3.52 -4.50
C HIS A 331 -27.86 -2.78 -3.15
N LYS A 332 -27.28 -3.41 -2.13
CA LYS A 332 -27.07 -2.77 -0.84
C LYS A 332 -25.70 -2.12 -0.63
N CYS A 333 -24.79 -2.25 -1.61
CA CYS A 333 -23.44 -1.70 -1.45
C CYS A 333 -23.36 -0.39 -2.26
N GLY A 334 -23.52 0.75 -1.57
CA GLY A 334 -23.70 2.01 -2.28
C GLY A 334 -22.68 3.06 -1.86
N ALA A 335 -21.84 2.77 -0.87
CA ALA A 335 -20.84 3.73 -0.41
C ALA A 335 -19.48 3.57 -1.11
N ALA A 336 -18.64 4.61 -1.07
CA ALA A 336 -17.33 4.54 -1.73
C ALA A 336 -16.47 3.44 -1.15
N ILE A 337 -15.97 2.57 -2.02
CA ILE A 337 -14.98 1.55 -1.63
C ILE A 337 -13.58 2.14 -1.64
N ARG A 338 -12.92 2.14 -0.48
CA ARG A 338 -11.61 2.76 -0.33
C ARG A 338 -10.46 1.84 -0.71
N GLN A 339 -10.61 0.54 -0.40
CA GLN A 339 -9.55 -0.39 -0.68
C GLN A 339 -10.12 -1.82 -0.74
N THR A 340 -9.43 -2.71 -1.46
CA THR A 340 -9.83 -4.12 -1.58
C THR A 340 -8.60 -4.94 -1.13
N SER A 341 -8.82 -6.22 -0.81
CA SER A 341 -7.71 -7.13 -0.55
C SER A 341 -8.17 -8.53 -0.91
N PHE A 342 -7.29 -9.28 -1.58
CA PHE A 342 -7.48 -10.71 -1.83
C PHE A 342 -6.80 -11.49 -0.73
N SER A 343 -7.40 -12.63 -0.37
CA SER A 343 -6.73 -13.64 0.44
C SER A 343 -5.54 -14.23 -0.33
N ARG A 344 -4.60 -14.83 0.40
CA ARG A 344 -3.39 -15.36 -0.26
C ARG A 344 -3.68 -16.48 -1.26
N ASP A 345 -4.76 -17.22 -1.06
CA ASP A 345 -5.12 -18.32 -1.94
C ASP A 345 -6.08 -17.86 -3.04
N SER A 346 -6.30 -16.54 -3.09
CA SER A 346 -7.21 -15.90 -4.02
C SER A 346 -8.71 -16.28 -3.91
N SER A 347 -9.13 -16.91 -2.81
CA SER A 347 -10.51 -17.43 -2.76
C SER A 347 -11.51 -16.40 -2.22
N ILE A 348 -11.01 -15.33 -1.62
CA ILE A 348 -11.89 -14.33 -1.02
C ILE A 348 -11.37 -12.93 -1.40
N LEU A 349 -12.31 -12.06 -1.74
CA LEU A 349 -11.97 -10.65 -1.95
C LEU A 349 -12.79 -9.83 -0.94
N ILE A 350 -12.13 -8.96 -0.18
CA ILE A 350 -12.82 -8.05 0.74
C ILE A 350 -12.73 -6.60 0.26
N ALA A 351 -13.86 -5.88 0.32
CA ALA A 351 -13.90 -4.43 0.02
C ALA A 351 -14.36 -3.69 1.27
N VAL A 352 -13.74 -2.54 1.56
CA VAL A 352 -14.18 -1.73 2.68
C VAL A 352 -14.57 -0.34 2.22
N CYS A 353 -15.47 0.30 2.96
CA CYS A 353 -16.24 1.44 2.48
C CYS A 353 -16.23 2.66 3.39
N ASP A 354 -16.63 3.81 2.84
CA ASP A 354 -16.70 5.07 3.59
C ASP A 354 -17.75 5.11 4.69
N ASP A 355 -18.74 4.22 4.59
CA ASP A 355 -19.79 4.10 5.61
C ASP A 355 -19.47 3.05 6.67
N ALA A 356 -18.21 2.61 6.73
CA ALA A 356 -17.72 1.62 7.71
C ALA A 356 -18.14 0.17 7.42
N SER A 357 -18.66 -0.08 6.23
CA SER A 357 -19.11 -1.42 5.87
C SER A 357 -17.99 -2.22 5.24
N ILE A 358 -18.12 -3.54 5.35
CA ILE A 358 -17.15 -4.50 4.86
C ILE A 358 -17.92 -5.52 4.05
N TRP A 359 -17.38 -5.84 2.87
CA TRP A 359 -18.07 -6.69 1.91
C TRP A 359 -17.20 -7.86 1.51
N ARG A 360 -17.75 -9.07 1.65
CA ARG A 360 -17.01 -10.29 1.34
C ARG A 360 -17.49 -10.99 0.07
N TRP A 361 -16.56 -11.22 -0.85
CA TRP A 361 -16.89 -11.82 -2.14
C TRP A 361 -16.08 -13.09 -2.22
N ASP A 362 -16.75 -14.22 -2.46
CA ASP A 362 -16.05 -15.50 -2.49
C ASP A 362 -15.97 -15.98 -3.92
N ARG A 363 -14.82 -16.56 -4.27
CA ARG A 363 -14.53 -16.98 -5.63
C ARG A 363 -15.25 -18.30 -5.93
N ALA B 4 -9.50 18.51 -6.50
CA ALA B 4 -9.89 17.09 -6.22
C ALA B 4 -10.27 16.95 -4.76
N ARG B 5 -11.41 16.32 -4.51
CA ARG B 5 -11.88 16.12 -3.14
C ARG B 5 -11.55 14.70 -2.66
N SER B 7 -13.49 13.17 -0.31
CA SER B 7 -14.79 12.47 -0.17
C SER B 7 -15.91 13.02 -1.05
N ALA B 8 -16.89 12.19 -1.38
CA ALA B 8 -18.11 12.63 -2.08
C ALA B 8 -19.11 13.26 -1.11
#